data_6SQ2
#
_entry.id   6SQ2
#
_cell.length_a   60.698
_cell.length_b   71.733
_cell.length_c   116.390
_cell.angle_alpha   90.000
_cell.angle_beta   90.000
_cell.angle_gamma   90.000
#
_symmetry.space_group_name_H-M   'P 21 21 21'
#
loop_
_entity.id
_entity.type
_entity.pdbx_description
1 polymer 'Ras-related protein Rab-8A'
2 polymer 'RILP-like protein 2'
3 non-polymer "GUANOSINE-5'-TRIPHOSPHATE"
4 non-polymer 'MAGNESIUM ION'
5 water water
#
loop_
_entity_poly.entity_id
_entity_poly.type
_entity_poly.pdbx_seq_one_letter_code
_entity_poly.pdbx_strand_id
1 'polypeptide(L)'
;GSHMAKTYDYLFKLLLIGDSGVGKTCVLFRFSEDAFNSTFISTIGIDFKIRTIELDGKRIKLQIWDTAGLERFREITTAY
YRGAMGIMLVYDITNEKSFDNIRNWIRNIEEHASADVEKMILGNKCDVNDKRQVSKERGEKLALDYGIKFMETSAKANIN
VENAFFTLARDIKAKMDKKLEGNS
;
A,B
2 'polypeptide(L)' HHHHHHNRPRFTLQELRDVLQERNKLKSQLLVVQEELQCYKSG D,E
#
loop_
_chem_comp.id
_chem_comp.type
_chem_comp.name
_chem_comp.formula
GTP non-polymer GUANOSINE-5'-TRIPHOSPHATE 'C10 H16 N5 O14 P3'
MG non-polymer 'MAGNESIUM ION' 'Mg 2'
#
# COMPACT_ATOMS: atom_id res chain seq x y z
N ALA A 5 5.37 10.64 -25.61
CA ALA A 5 4.67 10.65 -24.30
C ALA A 5 5.62 10.14 -23.20
N LYS A 6 6.47 9.18 -23.55
CA LYS A 6 7.44 8.59 -22.58
C LYS A 6 8.48 9.66 -22.21
N THR A 7 8.71 9.86 -20.90
CA THR A 7 9.67 10.84 -20.43
C THR A 7 11.08 10.27 -20.28
N TYR A 8 11.39 9.16 -20.94
CA TYR A 8 12.72 8.57 -20.83
C TYR A 8 12.97 7.67 -22.01
N ASP A 9 14.26 7.41 -22.26
CA ASP A 9 14.71 6.50 -23.29
C ASP A 9 15.14 5.14 -22.75
N TYR A 10 15.67 5.10 -21.52
CA TYR A 10 15.96 3.86 -20.82
C TYR A 10 15.36 3.93 -19.43
N LEU A 11 14.95 2.77 -18.92
CA LEU A 11 14.52 2.63 -17.53
C LEU A 11 15.46 1.62 -16.85
N PHE A 12 16.16 2.06 -15.81
CA PHE A 12 17.05 1.19 -15.03
C PHE A 12 16.45 0.97 -13.64
N LYS A 13 16.35 -0.28 -13.23
CA LYS A 13 15.88 -0.63 -11.90
C LYS A 13 17.08 -0.87 -11.00
N LEU A 14 17.21 -0.05 -9.96
CA LEU A 14 18.28 -0.15 -8.98
C LEU A 14 17.73 -0.62 -7.64
N LEU A 15 18.63 -1.16 -6.81
CA LEU A 15 18.26 -1.74 -5.52
C LEU A 15 19.31 -1.39 -4.49
N LEU A 16 18.89 -0.93 -3.31
CA LEU A 16 19.78 -0.67 -2.18
CA LEU A 16 19.77 -0.62 -2.09
C LEU A 16 19.56 -1.76 -1.13
N ILE A 17 20.64 -2.43 -0.73
CA ILE A 17 20.56 -3.45 0.32
C ILE A 17 21.66 -3.22 1.33
N GLY A 18 21.49 -3.83 2.51
CA GLY A 18 22.44 -3.68 3.60
C GLY A 18 21.76 -3.65 4.95
N ASP A 19 22.55 -3.73 6.03
CA ASP A 19 22.00 -3.81 7.38
C ASP A 19 21.13 -2.60 7.70
N SER A 20 20.19 -2.79 8.63
CA SER A 20 19.37 -1.67 9.09
C SER A 20 20.26 -0.62 9.74
N GLY A 21 19.97 0.65 9.44
CA GLY A 21 20.67 1.76 10.06
C GLY A 21 21.93 2.22 9.37
N VAL A 22 22.32 1.60 8.25
CA VAL A 22 23.56 2.01 7.59
C VAL A 22 23.40 3.28 6.76
N GLY A 23 22.18 3.68 6.45
CA GLY A 23 21.93 4.90 5.71
C GLY A 23 21.37 4.74 4.30
N LYS A 24 20.76 3.60 3.97
CA LYS A 24 20.25 3.38 2.62
C LYS A 24 19.21 4.43 2.25
N THR A 25 18.24 4.66 3.14
CA THR A 25 17.19 5.63 2.84
C THR A 25 17.74 7.05 2.79
N CYS A 26 18.69 7.38 3.66
CA CYS A 26 19.31 8.70 3.62
C CYS A 26 20.11 8.89 2.34
N VAL A 27 20.84 7.86 1.89
CA VAL A 27 21.56 7.99 0.62
C VAL A 27 20.59 8.28 -0.51
N LEU A 28 19.45 7.59 -0.54
CA LEU A 28 18.47 7.80 -1.59
C LEU A 28 17.80 9.16 -1.48
N PHE A 29 17.54 9.61 -0.25
CA PHE A 29 16.97 10.93 -0.01
C PHE A 29 17.91 12.03 -0.49
N ARG A 30 19.20 11.85 -0.25
CA ARG A 30 20.17 12.82 -0.75
C ARG A 30 20.20 12.81 -2.28
N PHE A 31 20.14 11.62 -2.88
CA PHE A 31 20.18 11.54 -4.33
C PHE A 31 18.93 12.11 -4.98
N SER A 32 17.75 11.80 -4.44
CA SER A 32 16.52 12.14 -5.13
C SER A 32 15.94 13.48 -4.70
N GLU A 33 16.27 13.98 -3.51
CA GLU A 33 15.74 15.23 -3.01
C GLU A 33 16.79 16.24 -2.56
N ASP A 34 18.08 15.89 -2.61
CA ASP A 34 19.18 16.74 -2.17
C ASP A 34 18.93 17.32 -0.76
N ALA A 35 18.58 16.43 0.17
CA ALA A 35 18.37 16.85 1.55
C ALA A 35 18.82 15.74 2.48
N PHE A 36 18.87 16.06 3.78
CA PHE A 36 19.28 15.09 4.79
C PHE A 36 18.51 15.35 6.07
N ASN A 37 17.94 14.29 6.63
CA ASN A 37 17.21 14.34 7.89
C ASN A 37 17.82 13.29 8.83
N SER A 38 18.23 13.72 10.01
CA SER A 38 18.92 12.83 10.94
C SER A 38 17.99 11.96 11.76
N THR A 39 16.66 12.13 11.65
CA THR A 39 15.72 11.36 12.44
C THR A 39 15.49 9.99 11.81
N PHE A 40 15.87 8.93 12.52
CA PHE A 40 15.83 7.57 11.97
C PHE A 40 14.40 7.06 11.91
N ILE A 41 13.92 6.79 10.70
CA ILE A 41 12.64 6.13 10.49
C ILE A 41 12.94 4.88 9.68
N SER A 42 13.02 3.77 10.39
CA SER A 42 13.35 2.50 9.66
CA SER A 42 13.34 2.54 9.75
C SER A 42 12.23 1.96 8.62
N THR A 43 12.73 1.67 7.44
CA THR A 43 11.88 1.35 6.30
C THR A 43 10.99 0.13 6.59
N ILE A 44 9.72 0.27 6.25
CA ILE A 44 8.75 -0.81 6.41
C ILE A 44 8.73 -1.59 5.10
N GLY A 45 9.50 -2.67 5.05
CA GLY A 45 9.50 -3.54 3.89
C GLY A 45 10.29 -3.00 2.71
N ILE A 46 9.68 -2.11 1.93
CA ILE A 46 10.26 -1.66 0.67
C ILE A 46 9.63 -0.32 0.32
N ASP A 47 10.41 0.52 -0.38
CA ASP A 47 9.92 1.76 -0.96
C ASP A 47 10.77 2.04 -2.19
N PHE A 48 10.39 3.07 -2.95
CA PHE A 48 11.21 3.44 -4.10
C PHE A 48 11.10 4.94 -4.36
N LYS A 49 12.14 5.47 -4.99
CA LYS A 49 12.20 6.86 -5.42
C LYS A 49 12.69 6.90 -6.86
N ILE A 50 12.43 8.02 -7.54
CA ILE A 50 12.74 8.19 -8.96
C ILE A 50 13.69 9.37 -9.13
N ARG A 51 14.67 9.20 -10.01
CA ARG A 51 15.43 10.32 -10.55
C ARG A 51 15.85 9.99 -11.97
N THR A 52 15.70 10.96 -12.87
CA THR A 52 16.04 10.78 -14.28
C THR A 52 17.30 11.57 -14.58
N ILE A 53 18.30 10.90 -15.14
CA ILE A 53 19.59 11.51 -15.48
C ILE A 53 19.79 11.41 -16.99
N GLU A 54 20.83 12.08 -17.47
CA GLU A 54 21.17 12.12 -18.89
C GLU A 54 22.53 11.48 -19.09
N LEU A 55 22.59 10.48 -19.98
CA LEU A 55 23.83 9.80 -20.33
C LEU A 55 23.90 9.66 -21.85
N ASP A 56 25.00 10.14 -22.44
CA ASP A 56 25.22 10.03 -23.89
C ASP A 56 24.05 10.61 -24.69
N GLY A 57 23.45 11.67 -24.17
CA GLY A 57 22.31 12.28 -24.85
C GLY A 57 21.02 11.50 -24.74
N LYS A 58 20.96 10.51 -23.86
CA LYS A 58 19.76 9.69 -23.64
C LYS A 58 19.22 9.97 -22.25
N ARG A 59 17.90 9.94 -22.12
CA ARG A 59 17.23 10.13 -20.84
C ARG A 59 17.13 8.80 -20.12
N ILE A 60 17.74 8.70 -18.94
CA ILE A 60 17.81 7.47 -18.17
C ILE A 60 16.97 7.65 -16.91
N LYS A 61 15.82 6.98 -16.84
CA LYS A 61 15.01 7.00 -15.63
C LYS A 61 15.52 5.94 -14.65
N LEU A 62 15.91 6.38 -13.45
CA LEU A 62 16.38 5.47 -12.41
C LEU A 62 15.24 5.25 -11.44
N GLN A 63 14.73 4.02 -11.39
CA GLN A 63 13.75 3.61 -10.40
CA GLN A 63 13.75 3.66 -10.31
C GLN A 63 14.49 2.85 -9.31
N ILE A 64 14.63 3.47 -8.14
CA ILE A 64 15.56 3.01 -7.12
C ILE A 64 14.76 2.44 -5.95
N TRP A 65 14.86 1.13 -5.77
CA TRP A 65 14.15 0.42 -4.73
C TRP A 65 14.98 0.35 -3.45
N ASP A 66 14.37 0.75 -2.35
CA ASP A 66 15.03 0.91 -1.06
C ASP A 66 14.49 -0.15 -0.11
N THR A 67 15.32 -1.14 0.24
CA THR A 67 14.88 -2.27 1.05
C THR A 67 15.05 -2.00 2.54
N ALA A 68 14.19 -2.62 3.34
CA ALA A 68 14.43 -2.69 4.77
C ALA A 68 15.58 -3.66 5.06
N GLY A 69 16.45 -3.26 5.98
CA GLY A 69 17.56 -4.13 6.35
C GLY A 69 17.22 -5.15 7.42
N LEU A 70 16.15 -4.91 8.17
CA LEU A 70 15.81 -5.76 9.31
C LEU A 70 15.38 -7.15 8.85
N GLU A 71 15.84 -8.16 9.60
CA GLU A 71 15.61 -9.55 9.21
C GLU A 71 14.12 -9.87 9.07
N ARG A 72 13.27 -9.20 9.85
CA ARG A 72 11.83 -9.48 9.81
C ARG A 72 11.21 -9.19 8.45
N PHE A 73 11.88 -8.41 7.59
CA PHE A 73 11.35 -8.04 6.30
C PHE A 73 12.00 -8.81 5.14
N ARG A 74 12.88 -9.77 5.44
CA ARG A 74 13.64 -10.44 4.38
C ARG A 74 12.74 -11.01 3.30
N GLU A 75 11.68 -11.70 3.70
CA GLU A 75 10.76 -12.31 2.79
C GLU A 75 10.08 -11.31 1.87
N ILE A 76 9.92 -10.10 2.32
CA ILE A 76 9.37 -9.05 1.45
C ILE A 76 10.44 -8.55 0.49
N THR A 77 11.65 -8.31 0.99
CA THR A 77 12.66 -7.62 0.19
C THR A 77 13.25 -8.52 -0.91
N THR A 78 13.38 -9.83 -0.65
CA THR A 78 14.09 -10.65 -1.62
C THR A 78 13.35 -10.79 -2.95
N ALA A 79 12.04 -10.56 -2.96
CA ALA A 79 11.30 -10.59 -4.23
C ALA A 79 11.71 -9.46 -5.17
N TYR A 80 12.34 -8.41 -4.67
CA TYR A 80 12.72 -7.29 -5.52
C TYR A 80 14.14 -7.40 -6.08
N TYR A 81 14.84 -8.50 -5.77
CA TYR A 81 16.19 -8.68 -6.29
C TYR A 81 16.17 -9.05 -7.78
N ARG A 82 15.17 -9.83 -8.20
CA ARG A 82 15.24 -10.46 -9.52
C ARG A 82 15.26 -9.42 -10.64
N GLY A 83 14.42 -8.40 -10.54
CA GLY A 83 14.42 -7.42 -11.61
C GLY A 83 15.52 -6.37 -11.56
N ALA A 84 16.36 -6.37 -10.53
CA ALA A 84 17.34 -5.30 -10.38
C ALA A 84 18.42 -5.40 -11.45
N MET A 85 18.78 -4.24 -12.02
CA MET A 85 19.88 -4.15 -12.95
C MET A 85 21.19 -3.69 -12.30
N GLY A 86 21.10 -2.98 -11.18
CA GLY A 86 22.26 -2.60 -10.40
C GLY A 86 21.89 -2.62 -8.95
N ILE A 87 22.82 -3.02 -8.09
CA ILE A 87 22.58 -3.16 -6.66
C ILE A 87 23.68 -2.45 -5.90
N MET A 88 23.29 -1.55 -4.98
CA MET A 88 24.22 -0.95 -4.02
C MET A 88 24.20 -1.79 -2.75
N LEU A 89 25.36 -2.29 -2.34
CA LEU A 89 25.55 -2.96 -1.06
C LEU A 89 26.12 -1.93 -0.08
N VAL A 90 25.35 -1.55 0.93
CA VAL A 90 25.71 -0.42 1.79
C VAL A 90 26.11 -0.94 3.16
N TYR A 91 27.24 -0.46 3.67
CA TYR A 91 27.58 -0.63 5.08
C TYR A 91 27.88 0.74 5.68
N ASP A 92 28.05 0.72 7.00
CA ASP A 92 28.27 1.90 7.84
C ASP A 92 29.71 1.85 8.32
N ILE A 93 30.52 2.84 7.95
CA ILE A 93 31.93 2.82 8.33
C ILE A 93 32.13 2.95 9.83
N THR A 94 31.10 3.33 10.58
CA THR A 94 31.17 3.35 12.04
C THR A 94 30.68 2.05 12.66
N ASN A 95 30.27 1.06 11.87
CA ASN A 95 29.69 -0.17 12.39
CA ASN A 95 29.68 -0.12 12.48
C ASN A 95 30.37 -1.38 11.73
N GLU A 96 31.34 -1.95 12.40
CA GLU A 96 32.02 -3.08 11.88
C GLU A 96 31.13 -4.28 11.52
N LYS A 97 30.14 -4.54 12.31
CA LYS A 97 29.28 -5.68 12.00
C LYS A 97 28.57 -5.48 10.66
N SER A 98 28.13 -4.25 10.37
CA SER A 98 27.51 -4.01 9.06
C SER A 98 28.48 -4.26 7.92
N PHE A 99 29.78 -4.04 8.16
CA PHE A 99 30.80 -4.33 7.16
C PHE A 99 30.99 -5.83 7.00
N ASP A 100 31.11 -6.55 8.13
CA ASP A 100 31.22 -8.02 8.07
C ASP A 100 30.03 -8.64 7.33
N ASN A 101 28.85 -8.06 7.49
CA ASN A 101 27.65 -8.62 6.88
C ASN A 101 27.60 -8.42 5.36
N ILE A 102 28.50 -7.61 4.80
CA ILE A 102 28.51 -7.43 3.36
C ILE A 102 28.69 -8.77 2.64
N ARG A 103 29.48 -9.67 3.24
CA ARG A 103 29.63 -11.00 2.66
C ARG A 103 28.30 -11.74 2.60
N ASN A 104 27.44 -11.56 3.61
CA ASN A 104 26.13 -12.19 3.59
C ASN A 104 25.23 -11.57 2.54
N TRP A 105 25.29 -10.25 2.37
CA TRP A 105 24.47 -9.59 1.35
C TRP A 105 24.91 -10.02 -0.05
N ILE A 106 26.22 -10.19 -0.25
CA ILE A 106 26.73 -10.71 -1.52
C ILE A 106 26.14 -12.09 -1.80
N ARG A 107 26.06 -12.93 -0.77
CA ARG A 107 25.47 -14.26 -0.94
C ARG A 107 24.00 -14.17 -1.29
N ASN A 108 23.28 -13.21 -0.70
CA ASN A 108 21.87 -13.05 -1.03
CA ASN A 108 21.86 -13.00 -0.94
C ASN A 108 21.68 -12.58 -2.47
N ILE A 109 22.60 -11.77 -2.98
CA ILE A 109 22.54 -11.37 -4.38
C ILE A 109 22.72 -12.59 -5.28
N GLU A 110 23.70 -13.44 -4.95
CA GLU A 110 23.94 -14.64 -5.75
C GLU A 110 22.72 -15.56 -5.78
N GLU A 111 21.96 -15.60 -4.67
CA GLU A 111 20.83 -16.50 -4.60
C GLU A 111 19.58 -15.94 -5.30
N HIS A 112 19.37 -14.63 -5.26
CA HIS A 112 18.09 -14.07 -5.68
C HIS A 112 18.15 -13.14 -6.88
N ALA A 113 19.32 -12.58 -7.21
CA ALA A 113 19.43 -11.62 -8.30
C ALA A 113 19.88 -12.30 -9.59
N SER A 114 19.83 -11.56 -10.68
CA SER A 114 20.36 -12.05 -11.94
C SER A 114 21.86 -12.26 -11.86
N ALA A 115 22.35 -13.25 -12.62
CA ALA A 115 23.76 -13.60 -12.56
C ALA A 115 24.66 -12.43 -12.98
N ASP A 116 24.19 -11.57 -13.87
CA ASP A 116 25.03 -10.52 -14.45
C ASP A 116 24.73 -9.13 -13.87
N VAL A 117 24.07 -9.06 -12.71
CA VAL A 117 23.67 -7.77 -12.17
C VAL A 117 24.91 -6.95 -11.81
N GLU A 118 24.83 -5.64 -12.04
CA GLU A 118 25.92 -4.73 -11.67
C GLU A 118 25.87 -4.45 -10.17
N LYS A 119 27.03 -4.43 -9.53
CA LYS A 119 27.12 -4.25 -8.11
C LYS A 119 28.13 -3.18 -7.68
N MET A 120 27.87 -2.55 -6.58
CA MET A 120 28.77 -1.54 -6.04
C MET A 120 28.61 -1.52 -4.52
N ILE A 121 29.73 -1.45 -3.82
CA ILE A 121 29.74 -1.39 -2.36
C ILE A 121 29.93 0.06 -1.94
N LEU A 122 29.05 0.54 -1.06
CA LEU A 122 29.14 1.89 -0.51
C LEU A 122 29.46 1.81 0.97
N GLY A 123 30.58 2.40 1.37
CA GLY A 123 30.86 2.62 2.78
C GLY A 123 30.32 3.97 3.19
N ASN A 124 29.14 3.99 3.81
CA ASN A 124 28.45 5.24 4.09
C ASN A 124 28.86 5.81 5.45
N LYS A 125 28.51 7.09 5.64
CA LYS A 125 28.82 7.89 6.83
C LYS A 125 30.29 8.26 6.90
N CYS A 126 30.91 8.53 5.75
CA CYS A 126 32.34 8.87 5.74
C CYS A 126 32.61 10.29 6.24
N ASP A 127 31.58 11.02 6.65
CA ASP A 127 31.74 12.32 7.30
C ASP A 127 32.16 12.20 8.75
N VAL A 128 31.93 11.05 9.37
CA VAL A 128 32.18 10.88 10.80
C VAL A 128 33.37 9.94 10.96
N ASN A 129 34.57 10.51 10.95
CA ASN A 129 35.79 9.71 11.03
C ASN A 129 36.28 9.51 12.45
N ASP A 130 35.82 10.32 13.41
CA ASP A 130 36.18 10.08 14.80
C ASP A 130 35.64 8.73 15.28
N LYS A 131 34.39 8.41 14.92
CA LYS A 131 33.79 7.14 15.26
C LYS A 131 34.01 6.07 14.19
N ARG A 132 34.91 6.30 13.23
CA ARG A 132 35.15 5.32 12.18
C ARG A 132 35.67 4.02 12.75
N GLN A 133 35.01 2.90 12.39
CA GLN A 133 35.43 1.57 12.79
C GLN A 133 36.06 0.77 11.65
N VAL A 134 35.79 1.12 10.40
CA VAL A 134 36.27 0.37 9.24
C VAL A 134 37.14 1.30 8.40
N SER A 135 38.41 0.96 8.25
CA SER A 135 39.30 1.77 7.43
C SER A 135 38.90 1.71 5.97
N LYS A 136 39.23 2.77 5.23
CA LYS A 136 38.97 2.77 3.80
C LYS A 136 39.76 1.66 3.10
N GLU A 137 40.97 1.38 3.59
CA GLU A 137 41.78 0.32 3.00
C GLU A 137 41.09 -1.02 3.11
N ARG A 138 40.46 -1.30 4.26
CA ARG A 138 39.76 -2.58 4.41
C ARG A 138 38.56 -2.65 3.49
N GLY A 139 37.83 -1.54 3.32
CA GLY A 139 36.72 -1.54 2.38
C GLY A 139 37.17 -1.76 0.95
N GLU A 140 38.27 -1.11 0.57
CA GLU A 140 38.81 -1.31 -0.78
C GLU A 140 39.23 -2.76 -0.99
N LYS A 141 39.84 -3.37 0.03
CA LYS A 141 40.33 -4.74 -0.12
C LYS A 141 39.18 -5.73 -0.26
N LEU A 142 38.12 -5.56 0.53
CA LEU A 142 36.96 -6.44 0.39
C LEU A 142 36.36 -6.34 -0.99
N ALA A 143 36.21 -5.13 -1.51
CA ALA A 143 35.63 -4.96 -2.84
C ALA A 143 36.53 -5.56 -3.91
N LEU A 144 37.85 -5.38 -3.78
CA LEU A 144 38.80 -5.99 -4.71
C LEU A 144 38.67 -7.51 -4.70
N ASP A 145 38.54 -8.10 -3.50
CA ASP A 145 38.44 -9.56 -3.39
C ASP A 145 37.23 -10.09 -4.14
N TYR A 146 36.14 -9.32 -4.12
CA TYR A 146 34.90 -9.74 -4.77
C TYR A 146 34.75 -9.18 -6.19
N GLY A 147 35.72 -8.40 -6.65
CA GLY A 147 35.67 -7.85 -8.01
C GLY A 147 34.57 -6.83 -8.20
N ILE A 148 34.31 -5.99 -7.21
CA ILE A 148 33.20 -5.06 -7.21
C ILE A 148 33.74 -3.66 -6.96
N LYS A 149 33.14 -2.66 -7.62
CA LYS A 149 33.52 -1.28 -7.40
C LYS A 149 33.19 -0.83 -5.98
N PHE A 150 33.91 0.18 -5.51
CA PHE A 150 33.81 0.63 -4.12
C PHE A 150 33.89 2.15 -4.05
N MET A 151 33.05 2.75 -3.22
CA MET A 151 33.15 4.17 -2.85
C MET A 151 32.74 4.36 -1.40
N GLU A 152 33.36 5.35 -0.77
CA GLU A 152 32.87 5.83 0.53
C GLU A 152 31.98 7.04 0.29
N THR A 153 30.82 7.04 0.95
CA THR A 153 29.78 8.04 0.71
C THR A 153 29.39 8.71 2.01
N SER A 154 28.72 9.85 1.88
CA SER A 154 28.06 10.48 3.02
C SER A 154 26.78 11.13 2.52
N ALA A 155 25.64 10.61 2.97
CA ALA A 155 24.37 11.32 2.72
C ALA A 155 24.35 12.66 3.46
N LYS A 156 24.96 12.72 4.64
CA LYS A 156 24.92 13.93 5.44
C LYS A 156 25.73 15.05 4.80
N ALA A 157 26.97 14.76 4.42
CA ALA A 157 27.88 15.76 3.88
C ALA A 157 27.81 15.84 2.35
N ASN A 158 26.99 15.01 1.72
CA ASN A 158 26.82 15.00 0.27
C ASN A 158 28.14 14.67 -0.42
N ILE A 159 28.71 13.52 -0.06
CA ILE A 159 29.97 13.05 -0.60
C ILE A 159 29.71 11.81 -1.43
N ASN A 160 29.99 11.88 -2.72
CA ASN A 160 30.00 10.72 -3.61
C ASN A 160 28.64 10.09 -3.81
N VAL A 161 27.55 10.75 -3.42
CA VAL A 161 26.23 10.15 -3.64
C VAL A 161 25.86 10.18 -5.12
N GLU A 162 25.97 11.35 -5.77
CA GLU A 162 25.74 11.39 -7.21
C GLU A 162 26.76 10.54 -7.96
N ASN A 163 28.03 10.61 -7.54
CA ASN A 163 29.07 9.79 -8.18
C ASN A 163 28.70 8.31 -8.18
N ALA A 164 28.23 7.80 -7.03
CA ALA A 164 27.85 6.39 -6.93
C ALA A 164 26.76 6.03 -7.93
N PHE A 165 25.67 6.79 -7.94
CA PHE A 165 24.54 6.44 -8.80
C PHE A 165 24.87 6.67 -10.27
N PHE A 166 25.55 7.77 -10.59
CA PHE A 166 25.94 8.02 -11.97
C PHE A 166 26.85 6.90 -12.48
N THR A 167 27.82 6.47 -11.66
CA THR A 167 28.75 5.43 -12.08
C THR A 167 28.03 4.10 -12.28
N LEU A 168 27.17 3.72 -11.33
CA LEU A 168 26.41 2.48 -11.48
C LEU A 168 25.57 2.50 -12.77
N ALA A 169 24.89 3.62 -13.01
CA ALA A 169 24.07 3.74 -14.21
C ALA A 169 24.91 3.70 -15.49
N ARG A 170 26.09 4.35 -15.48
CA ARG A 170 26.95 4.27 -16.66
C ARG A 170 27.41 2.83 -16.90
N ASP A 171 27.66 2.07 -15.83
CA ASP A 171 28.08 0.68 -16.01
C ASP A 171 26.95 -0.17 -16.58
N ILE A 172 25.71 0.06 -16.13
CA ILE A 172 24.56 -0.66 -16.70
C ILE A 172 24.39 -0.29 -18.17
N LYS A 173 24.50 0.99 -18.51
CA LYS A 173 24.27 1.41 -19.89
C LYS A 173 25.33 0.85 -20.84
N ALA A 174 26.59 0.83 -20.41
CA ALA A 174 27.65 0.33 -21.29
C ALA A 174 27.42 -1.13 -21.63
N LYS A 175 26.89 -1.89 -20.69
CA LYS A 175 26.64 -3.33 -20.97
C LYS A 175 25.47 -3.43 -21.94
N MET A 176 24.43 -2.64 -21.72
CA MET A 176 23.26 -2.73 -22.62
C MET A 176 23.72 -2.36 -24.03
N ASP A 177 24.56 -1.33 -24.13
CA ASP A 177 25.08 -0.86 -25.44
C ASP A 177 26.03 -1.91 -26.03
N LYS A 178 26.65 -2.71 -25.15
CA LYS A 178 27.60 -3.77 -25.59
C LYS A 178 26.82 -4.86 -26.36
N LYS A 179 25.59 -5.13 -25.93
CA LYS A 179 24.74 -6.16 -26.59
C LYS A 179 23.90 -5.50 -27.69
N LEU A 180 24.00 -4.17 -27.81
CA LEU A 180 23.24 -3.41 -28.84
C LEU A 180 21.77 -3.81 -28.80
N THR B 7 -18.03 18.29 -10.59
CA THR B 7 -17.77 18.08 -9.16
C THR B 7 -19.07 17.67 -8.49
N TYR B 8 -19.35 18.24 -7.34
CA TYR B 8 -20.56 17.75 -6.65
C TYR B 8 -21.06 18.82 -5.72
N ASP B 9 -22.28 18.57 -5.28
CA ASP B 9 -22.94 19.43 -4.31
C ASP B 9 -22.85 18.89 -2.89
N TYR B 10 -22.94 17.57 -2.72
CA TYR B 10 -22.82 16.93 -1.41
C TYR B 10 -21.82 15.79 -1.48
N LEU B 11 -21.15 15.55 -0.37
CA LEU B 11 -20.28 14.39 -0.18
C LEU B 11 -20.87 13.53 0.93
N PHE B 12 -21.30 12.31 0.59
CA PHE B 12 -21.87 11.37 1.55
C PHE B 12 -20.85 10.27 1.83
N LYS B 13 -20.45 10.14 3.09
CA LYS B 13 -19.56 9.06 3.51
C LYS B 13 -20.38 7.85 3.93
N LEU B 14 -20.20 6.74 3.23
CA LEU B 14 -20.91 5.51 3.52
C LEU B 14 -19.92 4.45 4.02
N LEU B 15 -20.46 3.47 4.76
CA LEU B 15 -19.67 2.44 5.38
C LEU B 15 -20.40 1.11 5.22
N LEU B 16 -19.66 0.07 4.80
CA LEU B 16 -20.19 -1.30 4.74
C LEU B 16 -19.56 -2.09 5.88
N ILE B 17 -20.41 -2.69 6.74
CA ILE B 17 -19.92 -3.51 7.84
C ILE B 17 -20.66 -4.86 7.83
N GLY B 18 -20.04 -5.83 8.48
CA GLY B 18 -20.60 -7.17 8.59
C GLY B 18 -19.50 -8.21 8.63
N ASP B 19 -19.89 -9.44 8.93
CA ASP B 19 -18.93 -10.53 9.09
C ASP B 19 -18.10 -10.74 7.82
N SER B 20 -16.88 -11.24 8.00
CA SER B 20 -16.06 -11.61 6.86
C SER B 20 -16.79 -12.65 6.01
N GLY B 21 -16.75 -12.46 4.69
CA GLY B 21 -17.30 -13.41 3.76
C GLY B 21 -18.75 -13.18 3.37
N VAL B 22 -19.40 -12.15 3.91
CA VAL B 22 -20.82 -11.97 3.61
C VAL B 22 -21.04 -11.34 2.24
N GLY B 23 -20.03 -10.67 1.68
CA GLY B 23 -20.14 -10.09 0.36
C GLY B 23 -20.03 -8.57 0.29
N LYS B 24 -19.46 -7.93 1.31
CA LYS B 24 -19.39 -6.47 1.33
C LYS B 24 -18.61 -5.94 0.12
N THR B 25 -17.43 -6.50 -0.14
CA THR B 25 -16.62 -6.03 -1.24
C THR B 25 -17.28 -6.32 -2.59
N CYS B 26 -17.97 -7.46 -2.70
CA CYS B 26 -18.61 -7.78 -3.97
C CYS B 26 -19.84 -6.90 -4.20
N VAL B 27 -20.56 -6.56 -3.13
CA VAL B 27 -21.66 -5.61 -3.28
C VAL B 27 -21.14 -4.27 -3.79
N LEU B 28 -20.02 -3.81 -3.22
CA LEU B 28 -19.43 -2.56 -3.69
C LEU B 28 -18.88 -2.66 -5.11
N PHE B 29 -18.26 -3.81 -5.45
CA PHE B 29 -17.76 -4.01 -6.80
C PHE B 29 -18.90 -4.00 -7.83
N ARG B 30 -20.05 -4.58 -7.47
CA ARG B 30 -21.20 -4.50 -8.37
C ARG B 30 -21.65 -3.06 -8.54
N PHE B 31 -21.66 -2.28 -7.46
CA PHE B 31 -22.12 -0.90 -7.53
C PHE B 31 -21.17 -0.03 -8.34
N SER B 32 -19.86 -0.23 -8.18
CA SER B 32 -18.91 0.68 -8.81
C SER B 32 -18.48 0.23 -10.21
N GLU B 33 -18.45 -1.08 -10.48
CA GLU B 33 -17.99 -1.59 -11.77
C GLU B 33 -19.01 -2.40 -12.53
N ASP B 34 -20.18 -2.66 -11.96
CA ASP B 34 -21.21 -3.49 -12.60
C ASP B 34 -20.65 -4.84 -13.03
N ALA B 35 -19.99 -5.52 -12.11
CA ALA B 35 -19.41 -6.83 -12.39
C ALA B 35 -19.36 -7.65 -11.11
N PHE B 36 -19.11 -8.94 -11.27
CA PHE B 36 -19.02 -9.86 -10.13
C PHE B 36 -18.03 -10.97 -10.46
N ASN B 37 -17.24 -11.35 -9.45
CA ASN B 37 -16.35 -12.49 -9.56
C ASN B 37 -16.45 -13.34 -8.30
N SER B 38 -16.41 -14.66 -8.46
CA SER B 38 -16.61 -15.57 -7.34
C SER B 38 -15.37 -15.74 -6.47
N THR B 39 -14.22 -15.21 -6.87
CA THR B 39 -13.02 -15.37 -6.07
C THR B 39 -13.14 -14.58 -4.76
N PHE B 40 -12.67 -15.19 -3.68
CA PHE B 40 -12.67 -14.53 -2.37
C PHE B 40 -11.29 -13.90 -2.14
N ILE B 41 -11.24 -12.57 -2.16
CA ILE B 41 -10.05 -11.83 -1.77
C ILE B 41 -10.45 -10.98 -0.57
N SER B 42 -10.17 -11.50 0.62
CA SER B 42 -10.56 -10.84 1.86
C SER B 42 -9.89 -9.48 1.98
N THR B 43 -10.65 -8.51 2.48
CA THR B 43 -10.21 -7.12 2.55
C THR B 43 -9.17 -6.94 3.66
N ILE B 44 -8.04 -6.33 3.34
CA ILE B 44 -6.99 -6.12 4.33
C ILE B 44 -7.26 -4.77 4.98
N GLY B 45 -7.91 -4.80 6.13
CA GLY B 45 -8.20 -3.60 6.90
C GLY B 45 -9.39 -2.82 6.39
N ILE B 46 -9.18 -2.06 5.32
CA ILE B 46 -10.22 -1.18 4.78
C ILE B 46 -9.85 -0.84 3.35
N ASP B 47 -10.86 -0.52 2.55
CA ASP B 47 -10.68 0.05 1.22
C ASP B 47 -11.82 1.03 0.99
N PHE B 48 -11.75 1.78 -0.10
CA PHE B 48 -12.85 2.66 -0.43
C PHE B 48 -12.98 2.80 -1.95
N LYS B 49 -14.18 3.17 -2.37
CA LYS B 49 -14.49 3.43 -3.77
C LYS B 49 -15.36 4.67 -3.84
N ILE B 50 -15.28 5.36 -4.99
CA ILE B 50 -16.00 6.61 -5.21
C ILE B 50 -16.97 6.42 -6.37
N ARG B 51 -18.20 6.87 -6.19
CA ARG B 51 -19.15 6.97 -7.30
C ARG B 51 -20.02 8.20 -7.07
N THR B 52 -20.20 8.99 -8.13
CA THR B 52 -20.99 10.21 -8.07
C THR B 52 -22.31 9.97 -8.80
N ILE B 53 -23.42 10.31 -8.14
CA ILE B 53 -24.75 10.08 -8.66
C ILE B 53 -25.50 11.42 -8.70
N GLU B 54 -26.63 11.42 -9.39
CA GLU B 54 -27.50 12.59 -9.51
C GLU B 54 -28.83 12.30 -8.83
N LEU B 55 -29.22 13.18 -7.92
CA LEU B 55 -30.47 13.13 -7.20
C LEU B 55 -31.14 14.47 -7.14
N ASP B 56 -32.42 14.50 -7.50
CA ASP B 56 -33.25 15.70 -7.49
C ASP B 56 -32.49 16.91 -7.77
N GLY B 57 -31.82 16.91 -8.88
CA GLY B 57 -31.01 18.02 -9.26
C GLY B 57 -29.72 18.31 -8.60
N LYS B 58 -29.26 17.41 -7.75
CA LYS B 58 -27.99 17.60 -7.06
C LYS B 58 -27.02 16.49 -7.36
N ARG B 59 -25.77 16.85 -7.42
CA ARG B 59 -24.70 15.89 -7.65
C ARG B 59 -24.17 15.40 -6.31
N ILE B 60 -24.23 14.08 -6.10
CA ILE B 60 -23.91 13.45 -4.82
C ILE B 60 -22.69 12.58 -5.00
N LYS B 61 -21.58 12.97 -4.40
CA LYS B 61 -20.37 12.15 -4.39
C LYS B 61 -20.46 11.17 -3.23
N LEU B 62 -20.45 9.87 -3.53
CA LEU B 62 -20.51 8.83 -2.51
C LEU B 62 -19.11 8.31 -2.27
N GLN B 63 -18.59 8.49 -1.06
CA GLN B 63 -17.31 7.94 -0.66
C GLN B 63 -17.59 6.73 0.22
N ILE B 64 -17.39 5.54 -0.32
CA ILE B 64 -17.90 4.31 0.27
C ILE B 64 -16.74 3.52 0.84
N TRP B 65 -16.70 3.41 2.17
CA TRP B 65 -15.66 2.69 2.88
C TRP B 65 -16.07 1.25 3.12
N ASP B 66 -15.19 0.33 2.75
CA ASP B 66 -15.45 -1.10 2.75
C ASP B 66 -14.58 -1.74 3.83
N THR B 67 -15.19 -2.16 4.93
CA THR B 67 -14.42 -2.62 6.09
C THR B 67 -14.11 -4.11 5.98
N ALA B 68 -13.01 -4.51 6.62
CA ALA B 68 -12.74 -5.92 6.83
C ALA B 68 -13.59 -6.43 8.00
N GLY B 69 -14.19 -7.60 7.82
CA GLY B 69 -15.04 -8.15 8.87
C GLY B 69 -14.32 -8.88 9.98
N LEU B 70 -13.08 -9.31 9.75
CA LEU B 70 -12.39 -10.11 10.75
C LEU B 70 -11.98 -9.27 11.96
N GLU B 71 -11.99 -9.91 13.13
CA GLU B 71 -11.79 -9.21 14.40
C GLU B 71 -10.42 -8.54 14.49
N ARG B 72 -9.41 -9.10 13.83
CA ARG B 72 -8.07 -8.52 13.94
C ARG B 72 -7.99 -7.12 13.34
N PHE B 73 -8.98 -6.69 12.56
CA PHE B 73 -8.99 -5.37 11.97
C PHE B 73 -9.88 -4.39 12.74
N ARG B 74 -10.28 -4.73 13.97
CA ARG B 74 -11.24 -3.92 14.71
C ARG B 74 -10.79 -2.47 14.86
N GLU B 75 -9.56 -2.26 15.33
CA GLU B 75 -9.08 -0.89 15.54
C GLU B 75 -9.07 -0.10 14.24
N ILE B 76 -8.71 -0.75 13.14
CA ILE B 76 -8.66 -0.07 11.85
C ILE B 76 -10.05 0.36 11.43
N THR B 77 -11.04 -0.53 11.56
CA THR B 77 -12.37 -0.24 11.07
C THR B 77 -13.15 0.68 12.02
N THR B 78 -12.89 0.59 13.33
CA THR B 78 -13.52 1.48 14.30
C THR B 78 -13.31 2.95 13.95
N ALA B 79 -12.16 3.27 13.34
CA ALA B 79 -11.83 4.65 13.02
C ALA B 79 -12.77 5.27 12.00
N TYR B 80 -13.57 4.47 11.29
CA TYR B 80 -14.39 5.00 10.21
C TYR B 80 -15.86 5.12 10.56
N TYR B 81 -16.26 4.71 11.76
CA TYR B 81 -17.65 4.87 12.16
C TYR B 81 -17.99 6.34 12.45
N ARG B 82 -17.02 7.11 12.92
CA ARG B 82 -17.30 8.46 13.39
C ARG B 82 -17.75 9.38 12.26
N GLY B 83 -17.15 9.24 11.07
CA GLY B 83 -17.54 10.10 9.98
C GLY B 83 -18.73 9.63 9.17
N ALA B 84 -19.23 8.43 9.46
CA ALA B 84 -20.18 7.80 8.58
C ALA B 84 -21.52 8.52 8.61
N MET B 85 -22.09 8.73 7.42
CA MET B 85 -23.43 9.29 7.28
C MET B 85 -24.48 8.24 6.96
N GLY B 86 -24.07 7.15 6.31
CA GLY B 86 -24.94 6.00 6.13
C GLY B 86 -24.12 4.73 6.26
N ILE B 87 -24.75 3.69 6.79
CA ILE B 87 -24.07 2.43 7.05
C ILE B 87 -24.92 1.29 6.54
N MET B 88 -24.32 0.42 5.71
CA MET B 88 -24.94 -0.84 5.32
C MET B 88 -24.47 -1.95 6.25
N LEU B 89 -25.41 -2.63 6.90
CA LEU B 89 -25.13 -3.81 7.72
C LEU B 89 -25.46 -5.04 6.90
N VAL B 90 -24.45 -5.83 6.55
CA VAL B 90 -24.58 -6.90 5.58
C VAL B 90 -24.44 -8.25 6.29
N TYR B 91 -25.37 -9.17 6.01
CA TYR B 91 -25.18 -10.55 6.37
C TYR B 91 -25.37 -11.42 5.13
N ASP B 92 -25.14 -12.71 5.31
CA ASP B 92 -25.16 -13.72 4.25
C ASP B 92 -26.36 -14.63 4.53
N ILE B 93 -27.33 -14.65 3.60
CA ILE B 93 -28.54 -15.41 3.84
C ILE B 93 -28.27 -16.90 3.97
N THR B 94 -27.09 -17.36 3.55
CA THR B 94 -26.70 -18.76 3.71
C THR B 94 -25.96 -19.03 5.01
N ASN B 95 -25.84 -18.04 5.89
CA ASN B 95 -24.99 -18.13 7.09
C ASN B 95 -25.76 -17.49 8.24
N GLU B 96 -26.51 -18.32 8.97
CA GLU B 96 -27.30 -17.78 10.08
C GLU B 96 -26.42 -17.10 11.13
N LYS B 97 -25.19 -17.57 11.31
CA LYS B 97 -24.31 -16.92 12.29
C LYS B 97 -24.04 -15.47 11.91
N SER B 98 -23.86 -15.19 10.62
CA SER B 98 -23.63 -13.81 10.19
C SER B 98 -24.86 -12.95 10.41
N PHE B 99 -26.06 -13.55 10.33
CA PHE B 99 -27.29 -12.85 10.64
C PHE B 99 -27.39 -12.55 12.13
N ASP B 100 -27.10 -13.54 12.97
CA ASP B 100 -27.08 -13.31 14.41
C ASP B 100 -26.09 -12.23 14.80
N ASN B 101 -24.97 -12.13 14.08
CA ASN B 101 -23.96 -11.14 14.43
C ASN B 101 -24.35 -9.72 14.04
N ILE B 102 -25.45 -9.53 13.30
CA ILE B 102 -25.91 -8.17 13.00
C ILE B 102 -26.17 -7.38 14.28
N ARG B 103 -26.68 -8.02 15.34
CA ARG B 103 -26.86 -7.32 16.61
C ARG B 103 -25.54 -6.77 17.15
N ASN B 104 -24.46 -7.54 17.00
CA ASN B 104 -23.14 -7.06 17.46
C ASN B 104 -22.66 -5.88 16.63
N TRP B 105 -22.87 -5.94 15.30
CA TRP B 105 -22.49 -4.82 14.46
C TRP B 105 -23.32 -3.58 14.79
N ILE B 106 -24.59 -3.78 15.13
CA ILE B 106 -25.43 -2.63 15.52
C ILE B 106 -24.91 -2.01 16.82
N ARG B 107 -24.50 -2.85 17.78
CA ARG B 107 -23.93 -2.32 19.01
C ARG B 107 -22.70 -1.46 18.72
N ASN B 108 -21.86 -1.89 17.78
CA ASN B 108 -20.68 -1.11 17.45
C ASN B 108 -21.05 0.23 16.82
N ILE B 109 -22.09 0.24 15.98
CA ILE B 109 -22.60 1.51 15.46
C ILE B 109 -23.05 2.42 16.58
N GLU B 110 -23.81 1.87 17.54
CA GLU B 110 -24.31 2.69 18.63
C GLU B 110 -23.17 3.21 19.50
N GLU B 111 -22.09 2.45 19.64
CA GLU B 111 -20.97 2.89 20.46
C GLU B 111 -20.15 3.99 19.78
N HIS B 112 -20.00 3.93 18.45
CA HIS B 112 -19.01 4.77 17.79
C HIS B 112 -19.55 5.71 16.71
N ALA B 113 -20.77 5.53 16.23
CA ALA B 113 -21.31 6.39 15.19
C ALA B 113 -22.29 7.40 15.78
N SER B 114 -22.66 8.38 14.94
CA SER B 114 -23.66 9.36 15.34
C SER B 114 -25.00 8.66 15.57
N ALA B 115 -25.80 9.22 16.50
CA ALA B 115 -27.12 8.66 16.74
C ALA B 115 -28.05 8.86 15.54
N ASP B 116 -27.80 9.84 14.69
CA ASP B 116 -28.64 10.11 13.54
C ASP B 116 -28.14 9.44 12.27
N VAL B 117 -27.20 8.51 12.37
CA VAL B 117 -26.65 7.88 11.17
C VAL B 117 -27.75 7.05 10.51
N GLU B 118 -27.80 7.10 9.17
CA GLU B 118 -28.75 6.28 8.43
C GLU B 118 -28.21 4.85 8.35
N LYS B 119 -29.10 3.88 8.59
CA LYS B 119 -28.71 2.47 8.60
C LYS B 119 -29.65 1.67 7.72
N MET B 120 -29.10 0.63 7.09
CA MET B 120 -29.88 -0.28 6.27
C MET B 120 -29.27 -1.67 6.39
N ILE B 121 -30.12 -2.70 6.46
CA ILE B 121 -29.66 -4.08 6.55
C ILE B 121 -29.80 -4.73 5.18
N LEU B 122 -28.74 -5.40 4.73
CA LEU B 122 -28.72 -6.12 3.46
C LEU B 122 -28.52 -7.61 3.74
N GLY B 123 -29.49 -8.42 3.34
CA GLY B 123 -29.29 -9.86 3.33
C GLY B 123 -28.77 -10.29 1.98
N ASN B 124 -27.46 -10.48 1.88
CA ASN B 124 -26.80 -10.70 0.59
C ASN B 124 -26.73 -12.19 0.23
N LYS B 125 -26.42 -12.45 -1.04
CA LYS B 125 -26.31 -13.80 -1.61
C LYS B 125 -27.69 -14.45 -1.78
N CYS B 126 -28.71 -13.63 -2.09
CA CYS B 126 -30.05 -14.18 -2.21
C CYS B 126 -30.24 -15.03 -3.45
N ASP B 127 -29.22 -15.12 -4.30
CA ASP B 127 -29.19 -16.07 -5.42
C ASP B 127 -28.87 -17.49 -4.97
N VAL B 128 -28.38 -17.68 -3.74
CA VAL B 128 -27.94 -19.00 -3.27
C VAL B 128 -29.03 -19.62 -2.41
N ASN B 129 -30.22 -19.76 -2.96
CA ASN B 129 -31.32 -20.35 -2.19
C ASN B 129 -31.07 -21.80 -1.82
N ASP B 130 -30.18 -22.50 -2.54
CA ASP B 130 -29.89 -23.90 -2.23
C ASP B 130 -29.10 -24.06 -0.94
N LYS B 131 -28.61 -22.97 -0.33
CA LYS B 131 -27.93 -23.04 0.96
C LYS B 131 -28.52 -22.06 1.96
N ARG B 132 -29.70 -21.51 1.67
CA ARG B 132 -30.31 -20.51 2.53
C ARG B 132 -30.48 -21.04 3.96
N GLN B 133 -30.09 -20.23 4.94
CA GLN B 133 -30.32 -20.52 6.34
C GLN B 133 -31.21 -19.52 7.04
N VAL B 134 -31.51 -18.38 6.41
CA VAL B 134 -32.30 -17.31 7.00
C VAL B 134 -33.35 -16.89 5.99
N SER B 135 -34.62 -17.06 6.35
CA SER B 135 -35.70 -16.58 5.47
C SER B 135 -35.75 -15.05 5.46
N LYS B 136 -36.27 -14.51 4.36
CA LYS B 136 -36.33 -13.06 4.21
C LYS B 136 -37.18 -12.42 5.29
N GLU B 137 -38.22 -13.10 5.76
CA GLU B 137 -39.09 -12.54 6.79
C GLU B 137 -38.32 -12.23 8.07
N ARG B 138 -37.31 -13.05 8.39
CA ARG B 138 -36.52 -12.81 9.59
C ARG B 138 -35.68 -11.54 9.45
N GLY B 139 -35.15 -11.29 8.24
CA GLY B 139 -34.43 -10.04 8.02
C GLY B 139 -35.35 -8.83 8.11
N GLU B 140 -36.53 -8.93 7.49
CA GLU B 140 -37.50 -7.83 7.57
C GLU B 140 -37.86 -7.51 9.01
N LYS B 141 -38.06 -8.55 9.83
CA LYS B 141 -38.48 -8.33 11.22
C LYS B 141 -37.36 -7.71 12.04
N LEU B 142 -36.13 -8.15 11.83
CA LEU B 142 -34.99 -7.55 12.50
C LEU B 142 -34.89 -6.06 12.19
N ALA B 143 -34.96 -5.72 10.89
CA ALA B 143 -34.90 -4.32 10.47
C ALA B 143 -36.06 -3.52 11.06
N LEU B 144 -37.27 -4.07 10.98
CA LEU B 144 -38.43 -3.39 11.55
C LEU B 144 -38.22 -3.04 13.01
N ASP B 145 -37.70 -3.99 13.80
CA ASP B 145 -37.50 -3.76 15.23
C ASP B 145 -36.51 -2.63 15.48
N TYR B 146 -35.52 -2.46 14.61
CA TYR B 146 -34.57 -1.35 14.70
C TYR B 146 -35.07 -0.10 14.00
N GLY B 147 -36.22 -0.17 13.32
CA GLY B 147 -36.75 0.99 12.62
C GLY B 147 -35.95 1.41 11.41
N ILE B 148 -35.37 0.45 10.68
CA ILE B 148 -34.54 0.75 9.52
C ILE B 148 -34.98 -0.12 8.35
N LYS B 149 -34.44 0.18 7.18
CA LYS B 149 -34.85 -0.50 5.96
C LYS B 149 -34.05 -1.79 5.76
N PHE B 150 -34.64 -2.70 4.98
CA PHE B 150 -34.07 -4.01 4.70
C PHE B 150 -34.24 -4.32 3.22
N MET B 151 -33.23 -4.96 2.64
CA MET B 151 -33.32 -5.53 1.30
C MET B 151 -32.51 -6.82 1.25
N GLU B 152 -33.02 -7.81 0.52
CA GLU B 152 -32.20 -8.94 0.13
C GLU B 152 -31.50 -8.59 -1.18
N THR B 153 -30.18 -8.80 -1.23
CA THR B 153 -29.38 -8.41 -2.37
C THR B 153 -28.64 -9.61 -2.94
N SER B 154 -28.16 -9.45 -4.18
CA SER B 154 -27.22 -10.40 -4.75
C SER B 154 -26.23 -9.62 -5.59
N ALA B 155 -24.96 -9.62 -5.17
CA ALA B 155 -23.91 -9.08 -6.01
C ALA B 155 -23.77 -9.89 -7.29
N LYS B 156 -24.03 -11.20 -7.22
CA LYS B 156 -23.80 -12.07 -8.38
C LYS B 156 -24.90 -11.90 -9.41
N ALA B 157 -26.16 -11.91 -8.97
CA ALA B 157 -27.29 -11.82 -9.88
C ALA B 157 -27.73 -10.37 -10.14
N ASN B 158 -27.06 -9.40 -9.51
CA ASN B 158 -27.38 -7.98 -9.67
C ASN B 158 -28.79 -7.66 -9.18
N ILE B 159 -29.07 -8.03 -7.95
CA ILE B 159 -30.39 -7.80 -7.34
C ILE B 159 -30.23 -6.79 -6.21
N ASN B 160 -30.92 -5.65 -6.33
CA ASN B 160 -31.10 -4.65 -5.29
C ASN B 160 -29.81 -3.94 -4.88
N VAL B 161 -28.72 -4.08 -5.62
CA VAL B 161 -27.50 -3.39 -5.22
C VAL B 161 -27.61 -1.90 -5.53
N GLU B 162 -27.98 -1.57 -6.76
CA GLU B 162 -28.25 -0.17 -7.10
C GLU B 162 -29.34 0.40 -6.20
N ASN B 163 -30.43 -0.36 -6.02
CA ASN B 163 -31.54 0.12 -5.20
C ASN B 163 -31.09 0.43 -3.79
N ALA B 164 -30.27 -0.43 -3.18
CA ALA B 164 -29.84 -0.22 -1.81
C ALA B 164 -29.08 1.10 -1.67
N PHE B 165 -28.10 1.33 -2.53
CA PHE B 165 -27.28 2.53 -2.39
C PHE B 165 -28.06 3.79 -2.71
N PHE B 166 -28.89 3.76 -3.76
CA PHE B 166 -29.68 4.95 -4.09
C PHE B 166 -30.70 5.24 -3.00
N THR B 167 -31.31 4.20 -2.42
CA THR B 167 -32.28 4.43 -1.35
C THR B 167 -31.60 5.03 -0.12
N LEU B 168 -30.43 4.51 0.25
CA LEU B 168 -29.70 5.07 1.38
C LEU B 168 -29.32 6.52 1.13
N ALA B 169 -28.82 6.84 -0.08
CA ALA B 169 -28.43 8.21 -0.39
C ALA B 169 -29.65 9.14 -0.41
N ARG B 170 -30.77 8.68 -0.97
CA ARG B 170 -32.00 9.47 -0.95
C ARG B 170 -32.42 9.78 0.48
N ASP B 171 -32.33 8.78 1.36
CA ASP B 171 -32.76 8.99 2.74
C ASP B 171 -31.81 9.93 3.48
N ILE B 172 -30.51 9.86 3.20
CA ILE B 172 -29.58 10.83 3.77
C ILE B 172 -29.89 12.23 3.26
N LYS B 173 -30.11 12.36 1.95
CA LYS B 173 -30.38 13.67 1.38
C LYS B 173 -31.65 14.27 1.93
N ALA B 174 -32.69 13.43 2.11
CA ALA B 174 -33.96 13.92 2.62
C ALA B 174 -33.82 14.46 4.04
N LYS B 175 -33.12 13.72 4.91
CA LYS B 175 -32.90 14.21 6.27
C LYS B 175 -32.08 15.48 6.27
N MET B 176 -31.01 15.53 5.46
CA MET B 176 -30.15 16.70 5.41
C MET B 176 -30.91 17.92 4.91
N ASP B 177 -31.68 17.74 3.86
CA ASP B 177 -32.39 18.83 3.25
C ASP B 177 -33.34 19.44 4.19
N LYS B 178 -33.66 18.72 5.24
CA LYS B 178 -34.63 19.22 6.18
C LYS B 178 -33.87 19.69 7.36
N LYS B 179 -32.99 20.67 7.13
CA LYS B 179 -32.19 21.17 8.19
C LYS B 179 -31.25 22.21 7.59
N ASN C 7 2.75 -17.04 6.81
CA ASN C 7 2.15 -18.07 7.70
C ASN C 7 1.54 -17.46 8.98
N ARG C 8 2.31 -17.32 10.03
CA ARG C 8 1.81 -16.80 11.32
C ARG C 8 1.90 -15.28 11.36
N PRO C 9 1.22 -14.66 12.32
CA PRO C 9 1.27 -13.22 12.44
C PRO C 9 2.69 -12.72 12.70
N ARG C 10 3.09 -11.60 12.12
CA ARG C 10 4.41 -11.04 12.28
C ARG C 10 4.52 -9.57 12.44
N PHE C 11 3.63 -8.84 11.81
CA PHE C 11 3.66 -7.40 11.81
C PHE C 11 2.67 -6.76 12.75
N THR C 12 3.00 -5.58 13.24
CA THR C 12 2.20 -4.91 14.25
C THR C 12 1.07 -4.11 13.61
N LEU C 13 0.16 -3.65 14.48
CA LEU C 13 -0.94 -2.80 14.03
C LEU C 13 -0.42 -1.50 13.43
N GLN C 14 0.52 -0.85 14.12
CA GLN C 14 1.05 0.42 13.61
C GLN C 14 1.77 0.23 12.26
N GLU C 15 2.44 -0.91 12.08
CA GLU C 15 3.14 -1.15 10.83
C GLU C 15 2.17 -1.30 9.65
N LEU C 16 1.15 -2.12 9.82
CA LEU C 16 0.15 -2.25 8.75
C LEU C 16 -0.59 -0.94 8.55
N ARG C 17 -0.93 -0.26 9.64
CA ARG C 17 -1.71 0.97 9.59
C ARG C 17 -0.98 2.05 8.80
N ASP C 18 0.32 2.21 9.03
CA ASP C 18 1.05 3.27 8.35
C ASP C 18 1.04 3.04 6.84
N VAL C 19 1.13 1.78 6.40
CA VAL C 19 1.07 1.52 4.97
C VAL C 19 -0.34 1.76 4.45
N LEU C 20 -1.36 1.33 5.21
CA LEU C 20 -2.74 1.56 4.79
C LEU C 20 -3.05 3.04 4.66
N GLN C 21 -2.52 3.74 5.63
CA GLN C 21 -2.84 5.27 5.56
CA GLN C 21 -2.83 5.15 5.48
C GLN C 21 -2.18 5.97 4.24
N GLU C 22 -0.97 5.47 4.01
CA GLU C 22 -0.29 5.97 2.81
C GLU C 22 -0.99 5.49 1.54
N ARG C 23 -1.43 4.23 1.53
CA ARG C 23 -2.24 3.73 0.42
C ARG C 23 -3.45 4.64 0.19
N ASN C 24 -4.17 4.95 1.26
CA ASN C 24 -5.36 5.79 1.15
C ASN C 24 -5.02 7.18 0.62
N LYS C 25 -3.95 7.79 1.14
CA LYS C 25 -3.59 9.12 0.69
C LYS C 25 -3.25 9.13 -0.80
N LEU C 26 -2.52 8.12 -1.27
CA LEU C 26 -2.18 8.03 -2.69
C LEU C 26 -3.42 7.80 -3.54
N LYS C 27 -4.34 6.96 -3.07
CA LYS C 27 -5.60 6.76 -3.78
C LYS C 27 -6.32 8.10 -3.97
N SER C 28 -6.47 8.86 -2.89
CA SER C 28 -7.17 10.15 -2.98
C SER C 28 -6.43 11.12 -3.90
N GLN C 29 -5.10 11.14 -3.82
CA GLN C 29 -4.32 12.03 -4.68
C GLN C 29 -4.46 11.64 -6.15
N LEU C 30 -4.48 10.33 -6.43
CA LEU C 30 -4.63 9.87 -7.81
C LEU C 30 -5.97 10.31 -8.40
N LEU C 31 -7.02 10.29 -7.58
CA LEU C 31 -8.34 10.70 -8.07
C LEU C 31 -8.39 12.19 -8.38
N VAL C 32 -7.65 13.01 -7.62
CA VAL C 32 -7.63 14.44 -7.90
C VAL C 32 -6.96 14.74 -9.23
N VAL C 33 -5.82 14.09 -9.51
CA VAL C 33 -5.11 14.35 -10.75
C VAL C 33 -5.87 13.76 -11.94
N GLN C 34 -6.46 12.57 -11.76
CA GLN C 34 -7.28 11.99 -12.82
C GLN C 34 -8.41 12.93 -13.22
N GLU C 35 -8.97 13.63 -12.26
CA GLU C 35 -10.03 14.57 -12.57
C GLU C 35 -9.53 15.81 -13.24
N GLU C 36 -8.36 16.25 -12.89
CA GLU C 36 -7.90 17.43 -13.49
C GLU C 36 -7.95 17.34 -14.98
N LEU C 37 -8.49 16.26 -15.49
CA LEU C 37 -8.60 16.08 -16.91
C LEU C 37 -10.06 15.90 -17.39
N ASN D 7 5.99 -4.59 19.47
CA ASN D 7 4.63 -4.80 19.92
C ASN D 7 4.07 -6.11 19.36
N ARG D 8 2.80 -6.38 19.65
CA ARG D 8 2.23 -7.70 19.40
C ARG D 8 2.11 -7.99 17.90
N PRO D 9 2.61 -9.14 17.44
CA PRO D 9 2.43 -9.48 16.02
C PRO D 9 0.98 -9.82 15.74
N ARG D 10 0.43 -9.20 14.70
CA ARG D 10 -0.98 -9.40 14.38
C ARG D 10 -1.25 -9.70 12.91
N PHE D 11 -0.38 -9.29 11.99
CA PHE D 11 -0.68 -9.41 10.58
C PHE D 11 0.40 -10.20 9.87
N THR D 12 0.01 -10.95 8.85
CA THR D 12 0.92 -11.90 8.24
C THR D 12 1.79 -11.22 7.18
N LEU D 13 2.76 -12.00 6.70
CA LEU D 13 3.60 -11.56 5.60
C LEU D 13 2.75 -11.25 4.37
N GLN D 14 1.79 -12.13 4.05
CA GLN D 14 0.95 -11.89 2.88
C GLN D 14 0.14 -10.60 3.02
N GLU D 15 -0.37 -10.33 4.23
CA GLU D 15 -1.19 -9.14 4.43
C GLU D 15 -0.36 -7.87 4.24
N LEU D 16 0.82 -7.79 4.83
CA LEU D 16 1.64 -6.61 4.65
C LEU D 16 2.17 -6.47 3.21
N ARG D 17 2.59 -7.57 2.64
CA ARG D 17 3.09 -7.54 1.28
C ARG D 17 2.06 -6.98 0.28
N ASP D 18 0.83 -7.45 0.44
CA ASP D 18 -0.24 -7.07 -0.43
C ASP D 18 -0.49 -5.54 -0.37
N VAL D 19 -0.53 -4.99 0.81
CA VAL D 19 -0.77 -3.56 0.97
C VAL D 19 0.43 -2.77 0.45
N LEU D 20 1.65 -3.27 0.67
CA LEU D 20 2.83 -2.60 0.14
C LEU D 20 2.81 -2.58 -1.38
N GLN D 21 2.41 -3.69 -2.00
CA GLN D 21 2.34 -3.74 -3.47
C GLN D 21 1.31 -2.77 -4.00
N GLU D 22 0.15 -2.66 -3.35
CA GLU D 22 -0.84 -1.69 -3.81
C GLU D 22 -0.33 -0.26 -3.62
N ARG D 23 0.30 0.01 -2.48
CA ARG D 23 0.90 1.33 -2.27
C ARG D 23 1.90 1.65 -3.37
N ASN D 24 2.77 0.68 -3.71
CA ASN D 24 3.74 0.89 -4.77
C ASN D 24 3.07 1.15 -6.10
N LYS D 25 2.07 0.33 -6.44
CA LYS D 25 1.35 0.51 -7.69
C LYS D 25 0.71 1.90 -7.78
N LEU D 26 0.11 2.36 -6.69
CA LEU D 26 -0.53 3.68 -6.71
C LEU D 26 0.49 4.79 -6.88
N LYS D 27 1.65 4.66 -6.25
CA LYS D 27 2.69 5.68 -6.39
C LYS D 27 3.12 5.81 -7.85
N SER D 28 3.32 4.68 -8.53
CA SER D 28 3.68 4.72 -9.94
C SER D 28 2.55 5.31 -10.79
N GLN D 29 1.31 4.91 -10.51
CA GLN D 29 0.18 5.45 -11.26
C GLN D 29 0.04 6.95 -11.06
N LEU D 30 0.25 7.42 -9.82
CA LEU D 30 0.16 8.85 -9.57
C LEU D 30 1.16 9.62 -10.43
N LEU D 31 2.38 9.09 -10.57
CA LEU D 31 3.38 9.76 -11.40
C LEU D 31 2.97 9.76 -12.88
N VAL D 32 2.42 8.64 -13.37
CA VAL D 32 2.10 8.58 -14.80
C VAL D 32 0.87 9.43 -15.14
N VAL D 33 -0.04 9.64 -14.18
CA VAL D 33 -1.13 10.56 -14.46
C VAL D 33 -0.62 11.99 -14.38
N GLN D 34 0.32 12.23 -13.46
CA GLN D 34 0.92 13.53 -13.31
C GLN D 34 1.61 13.91 -14.63
N GLU D 35 2.00 12.94 -15.43
CA GLU D 35 2.58 13.18 -16.76
C GLU D 35 1.97 14.27 -17.53
N GLU D 36 0.68 14.43 -17.36
CA GLU D 36 -0.10 15.38 -18.08
C GLU D 36 0.38 16.80 -18.13
N LEU D 37 1.60 17.05 -17.73
CA LEU D 37 2.13 18.40 -17.84
C LEU D 37 1.97 18.81 -19.34
N GLN D 38 0.71 18.91 -19.77
CA GLN D 38 0.22 19.18 -21.09
C GLN D 38 -0.75 20.34 -21.04
PG GTP E . 16.64 0.53 7.43
O1G GTP E . 16.19 0.08 8.81
O2G GTP E . 17.18 -0.67 6.68
O3G GTP E . 15.52 1.20 6.68
O3B GTP E . 17.87 1.54 7.70
PB GTP E . 18.55 2.52 6.62
O1B GTP E . 19.75 1.80 6.05
O2B GTP E . 17.57 3.00 5.59
O3A GTP E . 19.12 3.74 7.52
PA GTP E . 18.69 5.28 7.36
O1A GTP E . 18.89 5.79 5.95
O2A GTP E . 17.28 5.50 7.86
O5' GTP E . 19.74 5.98 8.34
C5' GTP E . 20.01 5.45 9.63
C4' GTP E . 20.52 6.60 10.49
O4' GTP E . 21.85 6.90 10.10
C3' GTP E . 19.69 7.84 10.22
O3' GTP E . 19.18 8.36 11.42
C2' GTP E . 20.64 8.85 9.64
O2' GTP E . 20.48 10.11 10.22
C1' GTP E . 22.03 8.29 9.89
N9 GTP E . 22.80 8.54 8.67
C8 GTP E . 22.44 8.17 7.40
N7 GTP E . 23.41 8.59 6.55
C5 GTP E . 24.38 9.22 7.25
C6 GTP E . 25.58 9.83 6.90
O6 GTP E . 25.96 9.89 5.73
N1 GTP E . 26.37 10.40 7.87
C2 GTP E . 25.98 10.37 9.19
N2 GTP E . 26.77 10.93 10.11
N3 GTP E . 24.78 9.76 9.54
C4 GTP E . 24.00 9.20 8.59
MG MG F . 15.58 2.68 5.27
PG GTP G . -14.17 -9.54 4.16
O1G GTP G . -13.26 -10.64 4.65
O2G GTP G . -14.80 -8.81 5.32
O3G GTP G . -13.44 -8.57 3.24
O3B GTP G . -15.34 -10.28 3.31
PB GTP G . -16.43 -9.58 2.34
O1B GTP G . -17.72 -9.34 3.09
O2B GTP G . -15.90 -8.35 1.63
O3A GTP G . -16.75 -10.77 1.29
PA GTP G . -16.56 -10.71 -0.31
O1A GTP G . -17.29 -9.55 -0.91
O2A GTP G . -15.08 -10.79 -0.61
O5' GTP G . -17.28 -12.06 -0.76
C5' GTP G . -17.05 -13.29 -0.07
C4' GTP G . -17.31 -14.44 -1.04
O4' GTP G . -18.69 -14.50 -1.30
C3' GTP G . -16.62 -14.24 -2.39
O3' GTP G . -16.17 -15.51 -2.83
C2' GTP G . -17.74 -13.78 -3.30
O2' GTP G . -17.51 -14.19 -4.63
C1' GTP G . -18.96 -14.43 -2.68
N9 GTP G . -20.13 -13.57 -2.89
C8 GTP G . -20.27 -12.26 -2.51
N7 GTP G . -21.52 -11.86 -2.86
C5 GTP G . -22.17 -12.90 -3.43
C6 GTP G . -23.45 -13.06 -3.95
O6 GTP G . -24.26 -12.14 -3.98
N1 GTP G . -23.82 -14.28 -4.47
C2 GTP G . -22.93 -15.34 -4.46
N2 GTP G . -23.31 -16.52 -4.96
N3 GTP G . -21.67 -15.19 -3.94
C4 GTP G . -21.30 -13.99 -3.43
MG MG H . -14.07 -7.39 1.67
#